data_4A6E
#
_entry.id   4A6E
#
_cell.length_a   170.080
_cell.length_b   170.080
_cell.length_c   128.220
_cell.angle_alpha   90.00
_cell.angle_beta   90.00
_cell.angle_gamma   120.00
#
_symmetry.space_group_name_H-M   'H 3 2'
#
loop_
_entity.id
_entity.type
_entity.pdbx_description
1 polymer 'HYDROXYINDOLE O-METHYLTRANSFERASE'
2 non-polymer 'ZINC ION'
3 non-polymer S-ADENOSYLMETHIONINE
4 non-polymer 'N-ACETYL SEROTONIN'
5 non-polymer 'SULFATE ION'
6 non-polymer GLYCEROL
7 water water
#
_entity_poly.entity_id   1
_entity_poly.type   'polypeptide(L)'
_entity_poly.pdbx_seq_one_letter_code
;MGSSEDQAYRLLNDYANGFMVSQVLFAACELGVFDLLAEAPGPLDVAAVAAGVRASAHGTELLLDICVSLKLLKVETRGG
KAFYRNTELSSDYLTTVSPTSQCSMLKYMGRTSYRCWGHLADAVREGRNQYLETFGVPAEELFTAIYRSEGERLQFMQAL
QEVWSVNGRSVLTAFDLSVFPLMCDLGGGAGALAKECMSLYPGCKITVFDIPEVVWTAKQHFSFQEEEQIDFQEGDFFKD
PLPEADLYILARVLHDWADGKCSHLLERIYHTCKPGGGILVIESLLDEDRRGPLLTQLYSLNMLVQTEGQERTPTHYHML
LSSAGFRDFQFKKTGAIYDAILARKGTHHHHHH
;
_entity_poly.pdbx_strand_id   A
#
# COMPACT_ATOMS: atom_id res chain seq x y z
N MET A 1 -21.16 9.22 22.37
CA MET A 1 -21.14 10.34 21.43
C MET A 1 -22.53 10.84 21.10
N GLY A 2 -23.19 11.33 22.15
CA GLY A 2 -24.48 11.97 22.05
C GLY A 2 -24.19 13.42 21.74
N SER A 3 -25.04 14.05 20.90
CA SER A 3 -24.90 15.46 20.45
C SER A 3 -24.70 16.51 21.56
N SER A 4 -25.40 16.34 22.70
CA SER A 4 -25.33 17.24 23.85
C SER A 4 -24.20 16.94 24.88
N GLU A 5 -23.38 15.87 24.68
CA GLU A 5 -22.30 15.53 25.62
C GLU A 5 -20.93 16.14 25.33
N ASP A 6 -20.07 16.12 26.39
CA ASP A 6 -18.71 16.56 26.48
C ASP A 6 -17.92 16.13 25.27
N GLN A 7 -17.21 17.09 24.70
CA GLN A 7 -16.36 16.97 23.51
C GLN A 7 -15.38 15.77 23.61
N ALA A 8 -14.84 15.54 24.83
CA ALA A 8 -13.90 14.45 25.13
C ALA A 8 -14.56 13.07 25.02
N TYR A 9 -15.77 12.94 25.60
CA TYR A 9 -16.55 11.73 25.55
C TYR A 9 -16.89 11.36 24.10
N ARG A 10 -17.27 12.38 23.31
CA ARG A 10 -17.63 12.22 21.89
C ARG A 10 -16.41 11.73 21.11
N LEU A 11 -15.23 12.29 21.41
CA LEU A 11 -13.98 11.93 20.76
C LEU A 11 -13.57 10.51 21.10
N LEU A 12 -13.76 10.14 22.38
CA LEU A 12 -13.47 8.80 22.87
C LEU A 12 -14.29 7.73 22.13
N ASN A 13 -15.59 7.99 21.91
CA ASN A 13 -16.47 7.07 21.18
C ASN A 13 -16.10 6.96 19.72
N ASP A 14 -15.69 8.07 19.11
CA ASP A 14 -15.23 8.08 17.74
C ASP A 14 -14.13 7.06 17.60
N TYR A 15 -13.11 7.19 18.47
CA TYR A 15 -11.96 6.28 18.47
C TYR A 15 -12.40 4.86 18.68
N ALA A 16 -13.17 4.61 19.75
CA ALA A 16 -13.68 3.28 20.08
C ALA A 16 -14.44 2.60 18.95
N ASN A 17 -15.20 3.39 18.17
CA ASN A 17 -16.09 2.89 17.13
C ASN A 17 -15.45 2.77 15.78
N GLY A 18 -14.21 3.23 15.67
CA GLY A 18 -13.41 3.22 14.45
C GLY A 18 -13.33 1.90 13.73
N PHE A 19 -13.15 0.78 14.47
CA PHE A 19 -13.10 -0.56 13.87
C PHE A 19 -14.41 -0.96 13.18
N MET A 20 -15.57 -0.43 13.66
CA MET A 20 -16.89 -0.75 13.08
C MET A 20 -16.99 -0.05 11.73
N VAL A 21 -16.57 1.25 11.67
CA VAL A 21 -16.57 2.07 10.45
C VAL A 21 -15.65 1.47 9.39
N SER A 22 -14.44 1.01 9.78
CA SER A 22 -13.47 0.37 8.89
C SER A 22 -14.10 -0.86 8.23
N GLN A 23 -14.71 -1.72 9.05
CA GLN A 23 -15.34 -2.93 8.53
C GLN A 23 -16.62 -2.73 7.70
N VAL A 24 -17.35 -1.61 7.90
CA VAL A 24 -18.51 -1.28 7.06
C VAL A 24 -17.97 -1.03 5.62
N LEU A 25 -16.85 -0.28 5.50
CA LEU A 25 -16.18 0.05 4.24
C LEU A 25 -15.57 -1.19 3.57
N PHE A 26 -14.92 -2.05 4.38
CA PHE A 26 -14.28 -3.29 3.89
C PHE A 26 -15.34 -4.25 3.40
N ALA A 27 -16.43 -4.43 4.19
CA ALA A 27 -17.55 -5.31 3.84
C ALA A 27 -18.26 -4.87 2.57
N ALA A 28 -18.41 -3.54 2.38
CA ALA A 28 -19.09 -2.99 1.20
C ALA A 28 -18.31 -3.36 -0.05
N CYS A 29 -16.96 -3.26 0.03
CA CYS A 29 -15.98 -3.63 -0.98
C CYS A 29 -16.05 -5.16 -1.25
N GLU A 30 -15.93 -5.97 -0.18
CA GLU A 30 -15.98 -7.44 -0.19
C GLU A 30 -17.26 -8.00 -0.83
N LEU A 31 -18.39 -7.27 -0.72
CA LEU A 31 -19.70 -7.67 -1.26
C LEU A 31 -19.93 -7.08 -2.67
N GLY A 32 -19.12 -6.09 -3.04
CA GLY A 32 -19.18 -5.39 -4.32
C GLY A 32 -20.38 -4.50 -4.52
N VAL A 33 -20.89 -3.85 -3.42
CA VAL A 33 -22.03 -2.94 -3.49
C VAL A 33 -21.81 -1.71 -4.42
N PHE A 34 -20.57 -1.18 -4.47
CA PHE A 34 -20.21 -0.04 -5.31
C PHE A 34 -20.18 -0.37 -6.82
N ASP A 35 -19.68 -1.57 -7.17
CA ASP A 35 -19.62 -2.07 -8.56
C ASP A 35 -21.01 -2.30 -9.13
N LEU A 36 -21.92 -2.88 -8.31
CA LEU A 36 -23.31 -3.16 -8.68
C LEU A 36 -24.07 -1.86 -8.99
N LEU A 37 -23.78 -0.80 -8.20
CA LEU A 37 -24.36 0.53 -8.35
C LEU A 37 -23.86 1.23 -9.63
N ALA A 38 -22.58 1.01 -9.98
CA ALA A 38 -21.94 1.54 -11.19
C ALA A 38 -22.42 0.78 -12.44
N GLU A 39 -22.73 -0.53 -12.30
CA GLU A 39 -23.22 -1.39 -13.38
C GLU A 39 -24.74 -1.31 -13.56
N ALA A 40 -25.44 -0.65 -12.63
CA ALA A 40 -26.89 -0.49 -12.64
C ALA A 40 -27.36 0.57 -13.66
N PRO A 41 -28.60 0.45 -14.20
CA PRO A 41 -29.10 1.47 -15.17
C PRO A 41 -29.42 2.83 -14.53
N GLY A 42 -29.59 2.83 -13.22
CA GLY A 42 -29.86 4.00 -12.41
C GLY A 42 -29.67 3.65 -10.94
N PRO A 43 -30.35 4.36 -10.02
CA PRO A 43 -30.22 4.03 -8.60
C PRO A 43 -31.00 2.78 -8.21
N LEU A 44 -30.50 2.03 -7.20
CA LEU A 44 -31.09 0.77 -6.73
C LEU A 44 -31.72 0.83 -5.35
N ASP A 45 -32.85 0.09 -5.14
CA ASP A 45 -33.44 -0.02 -3.79
C ASP A 45 -32.71 -1.11 -2.99
N VAL A 46 -33.02 -1.22 -1.67
CA VAL A 46 -32.42 -2.21 -0.76
C VAL A 46 -32.58 -3.66 -1.27
N ALA A 47 -33.80 -4.04 -1.73
CA ALA A 47 -34.08 -5.37 -2.25
C ALA A 47 -33.18 -5.73 -3.44
N ALA A 48 -32.92 -4.75 -4.33
CA ALA A 48 -32.10 -4.90 -5.52
C ALA A 48 -30.63 -5.11 -5.18
N VAL A 49 -30.10 -4.32 -4.24
CA VAL A 49 -28.71 -4.41 -3.78
C VAL A 49 -28.53 -5.79 -3.10
N ALA A 50 -29.43 -6.11 -2.14
CA ALA A 50 -29.45 -7.37 -1.41
C ALA A 50 -29.43 -8.54 -2.36
N ALA A 51 -30.29 -8.52 -3.39
CA ALA A 51 -30.36 -9.58 -4.40
C ALA A 51 -29.07 -9.67 -5.24
N GLY A 52 -28.57 -8.54 -5.72
CA GLY A 52 -27.38 -8.43 -6.55
C GLY A 52 -26.07 -8.79 -5.88
N VAL A 53 -26.03 -8.80 -4.52
CA VAL A 53 -24.80 -9.12 -3.75
C VAL A 53 -24.95 -10.43 -2.92
N ARG A 54 -26.15 -11.08 -3.00
CA ARG A 54 -26.50 -12.30 -2.26
C ARG A 54 -26.34 -12.10 -0.72
N ALA A 55 -27.08 -11.12 -0.18
CA ALA A 55 -27.08 -10.78 1.25
C ALA A 55 -28.49 -10.55 1.80
N SER A 56 -28.59 -10.33 3.12
CA SER A 56 -29.83 -10.10 3.86
C SER A 56 -30.47 -8.81 3.47
N ALA A 57 -31.78 -8.73 3.56
CA ALA A 57 -32.51 -7.49 3.36
C ALA A 57 -32.13 -6.58 4.55
N HIS A 58 -32.19 -7.11 5.81
CA HIS A 58 -31.84 -6.37 7.03
C HIS A 58 -30.38 -5.94 7.09
N GLY A 59 -29.48 -6.87 6.77
CA GLY A 59 -28.04 -6.65 6.73
C GLY A 59 -27.67 -5.59 5.71
N THR A 60 -28.12 -5.78 4.45
CA THR A 60 -27.89 -4.85 3.32
C THR A 60 -28.36 -3.43 3.70
N GLU A 61 -29.62 -3.29 4.16
CA GLU A 61 -30.19 -1.98 4.53
C GLU A 61 -29.29 -1.20 5.47
N LEU A 62 -28.85 -1.87 6.54
CA LEU A 62 -27.97 -1.29 7.54
C LEU A 62 -26.67 -0.85 6.93
N LEU A 63 -26.08 -1.68 6.07
CA LEU A 63 -24.83 -1.36 5.41
C LEU A 63 -24.98 -0.12 4.52
N LEU A 64 -26.03 -0.09 3.67
CA LEU A 64 -26.29 1.04 2.77
C LEU A 64 -26.52 2.32 3.56
N ASP A 65 -27.31 2.25 4.64
CA ASP A 65 -27.60 3.40 5.49
C ASP A 65 -26.41 3.97 6.20
N ILE A 66 -25.44 3.11 6.60
CA ILE A 66 -24.20 3.58 7.26
C ILE A 66 -23.33 4.28 6.21
N CYS A 67 -23.29 3.73 4.98
CA CYS A 67 -22.50 4.25 3.86
C CYS A 67 -22.92 5.66 3.49
N VAL A 68 -24.26 5.91 3.56
CA VAL A 68 -24.91 7.21 3.31
C VAL A 68 -24.45 8.21 4.39
N SER A 69 -24.50 7.79 5.66
CA SER A 69 -24.06 8.60 6.79
C SER A 69 -22.55 8.91 6.74
N LEU A 70 -21.76 7.96 6.20
CA LEU A 70 -20.31 8.10 6.05
C LEU A 70 -19.95 8.89 4.79
N LYS A 71 -20.96 9.30 4.00
CA LYS A 71 -20.82 10.07 2.75
C LYS A 71 -20.11 9.27 1.64
N LEU A 72 -20.23 7.92 1.69
CA LEU A 72 -19.70 6.99 0.69
C LEU A 72 -20.78 6.80 -0.39
N LEU A 73 -22.05 6.93 0.03
CA LEU A 73 -23.23 6.81 -0.83
C LEU A 73 -24.22 7.96 -0.64
N LYS A 74 -25.05 8.18 -1.66
CA LYS A 74 -26.10 9.17 -1.64
C LYS A 74 -27.42 8.42 -1.77
N VAL A 75 -28.47 8.93 -1.11
CA VAL A 75 -29.78 8.33 -1.15
C VAL A 75 -30.81 9.37 -1.64
N GLU A 76 -31.79 8.93 -2.43
CA GLU A 76 -32.91 9.75 -2.85
C GLU A 76 -34.21 8.97 -2.61
N THR A 77 -35.28 9.69 -2.29
CA THR A 77 -36.59 9.05 -2.06
C THR A 77 -37.42 9.15 -3.34
N ARG A 78 -38.03 8.01 -3.73
CA ARG A 78 -38.95 7.89 -4.87
C ARG A 78 -40.07 6.99 -4.37
N GLY A 79 -41.29 7.54 -4.37
CA GLY A 79 -42.47 6.88 -3.85
C GLY A 79 -42.24 6.66 -2.36
N GLY A 80 -42.53 5.47 -1.88
CA GLY A 80 -42.23 5.09 -0.50
C GLY A 80 -40.99 4.21 -0.47
N LYS A 81 -39.90 4.65 -1.17
CA LYS A 81 -38.70 3.83 -1.30
C LYS A 81 -37.37 4.61 -1.45
N ALA A 82 -36.37 4.17 -0.67
CA ALA A 82 -35.03 4.69 -0.75
C ALA A 82 -34.31 4.00 -1.88
N PHE A 83 -33.64 4.81 -2.71
CA PHE A 83 -32.82 4.41 -3.84
C PHE A 83 -31.44 4.97 -3.61
N TYR A 84 -30.43 4.12 -3.76
CA TYR A 84 -29.03 4.44 -3.52
C TYR A 84 -28.26 4.58 -4.79
N ARG A 85 -27.26 5.47 -4.74
CA ARG A 85 -26.38 5.79 -5.86
C ARG A 85 -24.96 6.04 -5.35
N ASN A 86 -23.97 5.99 -6.24
CA ASN A 86 -22.58 6.25 -5.88
C ASN A 86 -22.35 7.76 -5.72
N THR A 87 -21.26 8.10 -5.03
CA THR A 87 -20.76 9.46 -4.82
C THR A 87 -19.55 9.65 -5.76
N GLU A 88 -18.90 10.82 -5.69
CA GLU A 88 -17.69 11.11 -6.46
C GLU A 88 -16.60 10.20 -5.88
N LEU A 89 -16.54 10.13 -4.54
CA LEU A 89 -15.61 9.34 -3.74
C LEU A 89 -15.64 7.85 -4.11
N SER A 90 -16.82 7.20 -4.02
CA SER A 90 -16.97 5.76 -4.32
C SER A 90 -16.76 5.45 -5.80
N SER A 91 -17.14 6.38 -6.69
CA SER A 91 -16.94 6.17 -8.12
C SER A 91 -15.46 6.17 -8.46
N ASP A 92 -14.71 7.15 -7.90
CA ASP A 92 -13.27 7.32 -8.14
C ASP A 92 -12.41 6.27 -7.44
N TYR A 93 -12.78 5.86 -6.22
CA TYR A 93 -11.94 4.96 -5.42
C TYR A 93 -12.49 3.58 -5.06
N LEU A 94 -13.81 3.36 -5.18
CA LEU A 94 -14.36 2.08 -4.73
C LEU A 94 -14.98 1.22 -5.85
N THR A 95 -14.73 1.59 -7.12
CA THR A 95 -15.19 0.89 -8.32
C THR A 95 -14.00 0.14 -8.94
N THR A 96 -14.15 -1.18 -9.17
CA THR A 96 -13.08 -2.00 -9.77
C THR A 96 -12.66 -1.49 -11.17
N VAL A 97 -13.62 -0.93 -11.95
CA VAL A 97 -13.34 -0.36 -13.26
C VAL A 97 -12.50 0.93 -13.21
N SER A 98 -12.63 1.74 -12.12
CA SER A 98 -11.91 3.01 -11.99
C SER A 98 -10.40 2.79 -11.95
N PRO A 99 -9.61 3.63 -12.67
CA PRO A 99 -8.15 3.47 -12.60
C PRO A 99 -7.57 3.83 -11.22
N THR A 100 -8.25 4.69 -10.43
CA THR A 100 -7.79 5.08 -9.08
C THR A 100 -8.39 4.26 -7.95
N SER A 101 -9.02 3.11 -8.29
CA SER A 101 -9.61 2.14 -7.39
C SER A 101 -8.67 1.83 -6.22
N GLN A 102 -9.22 1.77 -5.00
CA GLN A 102 -8.49 1.45 -3.79
C GLN A 102 -9.08 0.19 -3.15
N CYS A 103 -9.97 -0.48 -3.89
CA CYS A 103 -10.70 -1.69 -3.50
C CYS A 103 -9.88 -2.83 -2.94
N SER A 104 -8.86 -3.29 -3.68
CA SER A 104 -8.03 -4.44 -3.34
C SER A 104 -7.27 -4.26 -2.05
N MET A 105 -6.76 -3.03 -1.84
CA MET A 105 -6.03 -2.60 -0.66
C MET A 105 -6.93 -2.65 0.58
N LEU A 106 -8.17 -2.13 0.43
CA LEU A 106 -9.17 -2.14 1.48
C LEU A 106 -9.56 -3.57 1.86
N LYS A 107 -9.72 -4.47 0.86
CA LYS A 107 -10.04 -5.88 1.09
C LYS A 107 -8.92 -6.56 1.87
N TYR A 108 -7.63 -6.26 1.54
CA TYR A 108 -6.45 -6.80 2.23
C TYR A 108 -6.40 -6.30 3.66
N MET A 109 -6.67 -5.02 3.87
CA MET A 109 -6.66 -4.45 5.20
C MET A 109 -7.67 -5.13 6.13
N GLY A 110 -8.84 -5.45 5.59
CA GLY A 110 -9.91 -6.06 6.36
C GLY A 110 -9.75 -7.53 6.60
N ARG A 111 -9.16 -8.23 5.64
CA ARG A 111 -8.99 -9.68 5.73
C ARG A 111 -7.66 -10.04 6.39
N THR A 112 -6.62 -9.20 6.21
CA THR A 112 -5.30 -9.51 6.72
C THR A 112 -4.83 -8.67 7.89
N SER A 113 -4.62 -7.36 7.69
CA SER A 113 -4.13 -6.44 8.71
C SER A 113 -5.03 -6.41 9.92
N TYR A 114 -6.36 -6.23 9.70
CA TYR A 114 -7.40 -6.18 10.74
C TYR A 114 -7.23 -7.30 11.78
N ARG A 115 -7.04 -8.55 11.29
CA ARG A 115 -6.85 -9.73 12.14
C ARG A 115 -5.58 -9.61 12.98
N CYS A 116 -4.44 -9.30 12.34
CA CYS A 116 -3.14 -9.08 12.96
C CYS A 116 -3.29 -8.09 14.10
N TRP A 117 -3.94 -6.93 13.84
CA TRP A 117 -4.21 -5.85 14.80
C TRP A 117 -5.00 -6.27 16.04
N GLY A 118 -5.79 -7.34 15.94
CA GLY A 118 -6.48 -7.91 17.09
C GLY A 118 -5.52 -8.40 18.17
N HIS A 119 -4.24 -8.66 17.79
CA HIS A 119 -3.13 -9.10 18.65
C HIS A 119 -2.09 -7.95 18.90
N LEU A 120 -2.53 -6.67 18.81
CA LEU A 120 -1.67 -5.51 19.02
C LEU A 120 -0.97 -5.45 20.39
N ALA A 121 -1.70 -5.70 21.49
CA ALA A 121 -1.13 -5.71 22.84
C ALA A 121 0.07 -6.65 22.88
N ASP A 122 -0.10 -7.87 22.33
CA ASP A 122 0.95 -8.88 22.28
C ASP A 122 2.16 -8.47 21.43
N ALA A 123 1.92 -7.85 20.24
CA ALA A 123 2.98 -7.33 19.34
C ALA A 123 3.76 -6.23 20.05
N VAL A 124 3.04 -5.37 20.80
CA VAL A 124 3.63 -4.31 21.62
C VAL A 124 4.45 -4.94 22.77
N ARG A 125 3.89 -5.93 23.49
CA ARG A 125 4.58 -6.65 24.56
C ARG A 125 5.89 -7.34 24.10
N GLU A 126 5.82 -8.08 22.99
CA GLU A 126 6.88 -8.91 22.41
C GLU A 126 7.84 -8.22 21.46
N GLY A 127 7.41 -7.10 20.88
CA GLY A 127 8.20 -6.35 19.89
C GLY A 127 8.35 -7.09 18.59
N ARG A 128 7.40 -7.98 18.31
CA ARG A 128 7.41 -8.82 17.13
C ARG A 128 6.01 -9.04 16.53
N ASN A 129 5.97 -9.37 15.22
CA ASN A 129 4.78 -9.68 14.44
C ASN A 129 4.03 -10.91 15.01
N GLN A 130 2.77 -11.09 14.57
CA GLN A 130 1.84 -12.08 15.10
C GLN A 130 1.24 -13.08 14.10
N TYR A 131 1.95 -13.36 13.00
CA TYR A 131 1.45 -14.32 12.01
C TYR A 131 1.10 -15.70 12.60
N LEU A 132 1.99 -16.23 13.45
CA LEU A 132 1.81 -17.50 14.15
C LEU A 132 0.56 -17.53 15.05
N GLU A 133 0.31 -16.46 15.82
CA GLU A 133 -0.80 -16.35 16.76
C GLU A 133 -2.12 -15.99 16.05
N THR A 134 -2.03 -15.44 14.83
CA THR A 134 -3.21 -15.04 14.05
C THR A 134 -3.63 -16.08 13.01
N PHE A 135 -2.68 -16.53 12.17
CA PHE A 135 -2.92 -17.46 11.07
C PHE A 135 -2.38 -18.87 11.28
N GLY A 136 -1.65 -19.06 12.39
CA GLY A 136 -1.02 -20.33 12.75
C GLY A 136 0.14 -20.69 11.85
N VAL A 137 0.65 -19.71 11.13
CA VAL A 137 1.72 -19.84 10.16
C VAL A 137 2.99 -19.15 10.72
N PRO A 138 4.17 -19.84 10.75
CA PRO A 138 5.40 -19.18 11.25
C PRO A 138 5.98 -18.11 10.32
N ALA A 139 6.57 -17.06 10.91
CA ALA A 139 7.15 -15.92 10.18
C ALA A 139 8.67 -15.79 10.24
N GLU A 140 9.38 -16.90 10.53
CA GLU A 140 10.84 -16.97 10.60
C GLU A 140 11.47 -16.52 9.27
N GLU A 141 10.72 -16.74 8.16
CA GLU A 141 10.97 -16.27 6.80
C GLU A 141 9.75 -15.40 6.55
N LEU A 142 9.91 -14.07 6.70
CA LEU A 142 8.81 -13.10 6.61
C LEU A 142 7.83 -13.32 5.47
N PHE A 143 8.33 -13.32 4.22
CA PHE A 143 7.47 -13.45 3.06
C PHE A 143 6.81 -14.82 2.84
N THR A 144 7.22 -15.86 3.61
CA THR A 144 6.53 -17.16 3.56
C THR A 144 5.21 -17.02 4.33
N ALA A 145 5.22 -16.19 5.40
CA ALA A 145 4.05 -15.89 6.22
C ALA A 145 3.15 -14.92 5.47
N ILE A 146 3.72 -13.84 4.87
CA ILE A 146 2.96 -12.86 4.08
C ILE A 146 2.28 -13.52 2.85
N TYR A 147 2.98 -14.48 2.16
CA TYR A 147 2.41 -15.21 1.02
C TYR A 147 1.98 -16.63 1.46
N ARG A 148 1.09 -16.67 2.49
CA ARG A 148 0.50 -17.86 3.16
C ARG A 148 0.01 -18.92 2.15
N SER A 149 -0.54 -18.46 1.02
CA SER A 149 -1.14 -19.23 -0.08
C SER A 149 -1.01 -18.45 -1.42
N GLU A 150 -1.28 -19.13 -2.57
CA GLU A 150 -1.29 -18.52 -3.92
C GLU A 150 -2.29 -17.37 -3.93
N GLY A 151 -3.44 -17.61 -3.29
CA GLY A 151 -4.53 -16.65 -3.13
C GLY A 151 -4.12 -15.40 -2.39
N GLU A 152 -3.49 -15.57 -1.20
CA GLU A 152 -2.96 -14.47 -0.37
C GLU A 152 -1.94 -13.64 -1.13
N ARG A 153 -1.00 -14.29 -1.86
CA ARG A 153 0.00 -13.59 -2.65
C ARG A 153 -0.62 -12.68 -3.71
N LEU A 154 -1.61 -13.19 -4.51
CA LEU A 154 -2.29 -12.39 -5.53
C LEU A 154 -2.97 -11.15 -4.89
N GLN A 155 -3.73 -11.37 -3.80
CA GLN A 155 -4.43 -10.32 -3.05
C GLN A 155 -3.46 -9.21 -2.58
N PHE A 156 -2.29 -9.61 -2.01
CA PHE A 156 -1.23 -8.69 -1.58
C PHE A 156 -0.71 -7.85 -2.78
N MET A 157 -0.43 -8.51 -3.91
CA MET A 157 0.02 -7.87 -5.15
C MET A 157 -1.02 -6.92 -5.76
N GLN A 158 -2.32 -7.26 -5.69
CA GLN A 158 -3.41 -6.40 -6.20
C GLN A 158 -3.58 -5.22 -5.28
N ALA A 159 -3.48 -5.47 -3.97
CA ALA A 159 -3.61 -4.47 -2.91
C ALA A 159 -2.59 -3.37 -3.03
N LEU A 160 -1.29 -3.72 -2.99
CA LEU A 160 -0.20 -2.73 -3.00
C LEU A 160 -0.07 -1.81 -4.20
N GLN A 161 -0.46 -2.31 -5.39
CA GLN A 161 -0.36 -1.54 -6.61
C GLN A 161 -1.23 -0.29 -6.72
N GLU A 162 -2.36 -0.29 -6.02
CA GLU A 162 -3.40 0.73 -6.04
C GLU A 162 -3.01 2.16 -5.67
N VAL A 163 -2.15 2.32 -4.63
CA VAL A 163 -1.67 3.64 -4.19
C VAL A 163 -0.94 4.41 -5.31
N TRP A 164 -0.25 3.69 -6.21
CA TRP A 164 0.51 4.33 -7.28
C TRP A 164 -0.34 5.00 -8.35
N SER A 165 -1.65 4.65 -8.38
CA SER A 165 -2.59 5.31 -9.30
C SER A 165 -2.91 6.75 -8.84
N VAL A 166 -2.53 7.11 -7.58
CA VAL A 166 -2.74 8.46 -7.02
C VAL A 166 -1.43 9.13 -6.57
N ASN A 167 -0.48 8.33 -6.10
CA ASN A 167 0.77 8.79 -5.52
C ASN A 167 2.01 8.64 -6.42
N GLY A 168 1.93 7.81 -7.47
CA GLY A 168 3.03 7.50 -8.37
C GLY A 168 3.75 8.67 -9.03
N ARG A 169 2.97 9.62 -9.58
CA ARG A 169 3.51 10.79 -10.28
C ARG A 169 4.39 11.65 -9.36
N SER A 170 3.92 11.95 -8.14
CA SER A 170 4.69 12.79 -7.20
C SER A 170 6.03 12.20 -6.80
N VAL A 171 6.09 10.88 -6.55
CA VAL A 171 7.34 10.22 -6.17
C VAL A 171 8.36 10.10 -7.33
N LEU A 172 7.88 9.80 -8.55
CA LEU A 172 8.77 9.69 -9.70
C LEU A 172 9.19 11.02 -10.31
N THR A 173 8.38 12.08 -10.13
CA THR A 173 8.75 13.40 -10.67
C THR A 173 9.35 14.36 -9.62
N ALA A 174 9.48 13.91 -8.35
CA ALA A 174 10.09 14.72 -7.28
C ALA A 174 11.51 15.16 -7.71
N PHE A 175 12.26 14.26 -8.35
CA PHE A 175 13.60 14.48 -8.87
C PHE A 175 13.54 14.15 -10.36
N ASP A 176 14.44 14.71 -11.15
CA ASP A 176 14.48 14.42 -12.58
C ASP A 176 15.29 13.15 -12.77
N LEU A 177 14.56 12.04 -13.05
CA LEU A 177 15.12 10.70 -13.25
C LEU A 177 15.52 10.43 -14.68
N SER A 178 15.36 11.42 -15.57
CA SER A 178 15.76 11.29 -16.98
C SER A 178 17.28 11.15 -17.16
N VAL A 179 18.04 11.32 -16.07
CA VAL A 179 19.51 11.20 -16.07
C VAL A 179 19.95 9.74 -15.93
N PHE A 180 18.99 8.86 -15.59
CA PHE A 180 19.21 7.43 -15.38
C PHE A 180 18.48 6.67 -16.48
N PRO A 181 19.08 6.47 -17.66
CA PRO A 181 18.36 5.75 -18.75
C PRO A 181 17.96 4.32 -18.43
N LEU A 182 18.72 3.63 -17.61
CA LEU A 182 18.42 2.26 -17.29
C LEU A 182 18.11 2.15 -15.79
N MET A 183 16.91 1.62 -15.46
CA MET A 183 16.42 1.55 -14.07
C MET A 183 16.09 0.15 -13.60
N CYS A 184 16.06 -0.05 -12.27
CA CYS A 184 15.68 -1.31 -11.67
C CYS A 184 14.80 -1.08 -10.45
N ASP A 185 13.58 -1.67 -10.46
CA ASP A 185 12.66 -1.58 -9.33
C ASP A 185 12.86 -2.83 -8.46
N LEU A 186 13.68 -2.68 -7.39
CA LEU A 186 13.95 -3.79 -6.46
C LEU A 186 12.76 -4.04 -5.56
N GLY A 187 12.14 -5.21 -5.70
CA GLY A 187 10.93 -5.58 -4.95
C GLY A 187 9.72 -4.85 -5.52
N GLY A 188 9.65 -4.80 -6.85
CA GLY A 188 8.65 -4.05 -7.60
C GLY A 188 7.27 -4.65 -7.71
N GLY A 189 7.08 -5.84 -7.12
CA GLY A 189 5.82 -6.56 -7.14
C GLY A 189 5.31 -6.78 -8.56
N ALA A 190 4.04 -6.38 -8.80
CA ALA A 190 3.37 -6.53 -10.10
C ALA A 190 3.87 -5.59 -11.22
N GLY A 191 4.68 -4.58 -10.85
CA GLY A 191 5.26 -3.62 -11.77
C GLY A 191 4.40 -2.39 -12.06
N ALA A 192 3.51 -2.01 -11.12
CA ALA A 192 2.63 -0.85 -11.30
C ALA A 192 3.40 0.44 -11.32
N LEU A 193 4.35 0.60 -10.36
CA LEU A 193 5.23 1.76 -10.28
C LEU A 193 6.15 1.87 -11.53
N ALA A 194 6.68 0.75 -12.04
CA ALA A 194 7.54 0.72 -13.22
C ALA A 194 6.74 1.08 -14.47
N LYS A 195 5.46 0.67 -14.55
CA LYS A 195 4.57 1.02 -15.66
C LYS A 195 4.34 2.54 -15.65
N GLU A 196 4.17 3.12 -14.43
CA GLU A 196 3.97 4.56 -14.23
C GLU A 196 5.22 5.34 -14.62
N CYS A 197 6.37 4.80 -14.20
CA CYS A 197 7.69 5.33 -14.45
C CYS A 197 8.02 5.39 -15.94
N MET A 198 7.64 4.35 -16.71
CA MET A 198 7.90 4.27 -18.14
C MET A 198 7.13 5.26 -19.02
N SER A 199 5.93 5.67 -18.55
CA SER A 199 5.11 6.65 -19.26
C SER A 199 5.66 8.05 -19.02
N LEU A 200 6.23 8.29 -17.81
CA LEU A 200 6.81 9.57 -17.42
C LEU A 200 8.18 9.80 -18.05
N TYR A 201 8.99 8.74 -18.20
CA TYR A 201 10.34 8.82 -18.76
C TYR A 201 10.45 7.93 -20.03
N PRO A 202 9.96 8.46 -21.18
CA PRO A 202 9.96 7.67 -22.42
C PRO A 202 11.31 7.23 -22.96
N GLY A 203 12.38 7.90 -22.56
CA GLY A 203 13.72 7.53 -22.99
C GLY A 203 14.41 6.53 -22.07
N CYS A 204 13.67 5.97 -21.09
CA CYS A 204 14.17 5.00 -20.10
C CYS A 204 13.69 3.56 -20.33
N LYS A 205 14.32 2.62 -19.65
CA LYS A 205 13.99 1.19 -19.63
C LYS A 205 14.09 0.76 -18.17
N ILE A 206 13.26 -0.18 -17.74
CA ILE A 206 13.26 -0.68 -16.37
C ILE A 206 13.16 -2.22 -16.26
N THR A 207 13.83 -2.79 -15.27
CA THR A 207 13.71 -4.20 -14.93
C THR A 207 13.04 -4.29 -13.56
N VAL A 208 11.93 -5.04 -13.47
CA VAL A 208 11.25 -5.29 -12.20
C VAL A 208 11.89 -6.53 -11.57
N PHE A 209 12.47 -6.37 -10.38
CA PHE A 209 13.12 -7.47 -9.67
C PHE A 209 12.30 -7.89 -8.41
N ASP A 210 11.92 -9.17 -8.33
CA ASP A 210 11.20 -9.73 -7.19
C ASP A 210 11.47 -11.25 -7.03
N ILE A 211 10.97 -11.86 -5.95
CA ILE A 211 11.14 -13.30 -5.72
C ILE A 211 10.43 -14.16 -6.81
N PRO A 212 10.97 -15.34 -7.22
CA PRO A 212 10.32 -16.14 -8.28
C PRO A 212 8.78 -16.27 -8.29
N GLU A 213 8.15 -16.61 -7.17
CA GLU A 213 6.69 -16.76 -7.11
C GLU A 213 5.92 -15.42 -7.43
N VAL A 214 6.49 -14.24 -7.05
CA VAL A 214 5.91 -12.92 -7.36
C VAL A 214 6.03 -12.66 -8.88
N VAL A 215 7.23 -12.83 -9.44
CA VAL A 215 7.49 -12.63 -10.88
C VAL A 215 6.54 -13.49 -11.74
N TRP A 216 6.28 -14.75 -11.30
CA TRP A 216 5.39 -15.69 -11.94
C TRP A 216 3.96 -15.15 -11.96
N THR A 217 3.38 -14.81 -10.76
CA THR A 217 2.02 -14.27 -10.66
C THR A 217 1.84 -12.93 -11.35
N ALA A 218 2.92 -12.13 -11.50
CA ALA A 218 2.92 -10.85 -12.21
C ALA A 218 2.70 -11.09 -13.70
N LYS A 219 3.44 -12.06 -14.28
CA LYS A 219 3.36 -12.43 -15.70
C LYS A 219 2.05 -13.16 -16.04
N GLN A 220 1.52 -13.87 -15.05
CA GLN A 220 0.33 -14.70 -15.11
C GLN A 220 -0.98 -13.92 -14.93
N HIS A 221 -1.00 -12.89 -14.05
CA HIS A 221 -2.21 -12.16 -13.73
C HIS A 221 -2.33 -10.70 -14.15
N PHE A 222 -1.20 -10.01 -14.30
CA PHE A 222 -1.19 -8.60 -14.64
C PHE A 222 -0.75 -8.44 -16.10
N SER A 223 -1.53 -7.71 -16.93
CA SER A 223 -1.26 -7.54 -18.36
C SER A 223 -0.13 -6.55 -18.69
N PHE A 224 0.64 -6.85 -19.78
CA PHE A 224 1.77 -6.04 -20.27
C PHE A 224 1.75 -5.83 -21.79
N GLU A 227 4.71 -3.05 -20.39
CA GLU A 227 4.82 -2.61 -21.79
C GLU A 227 6.21 -2.91 -22.39
N GLU A 228 6.48 -2.37 -23.60
CA GLU A 228 7.73 -2.55 -24.37
C GLU A 228 9.05 -2.17 -23.64
N GLN A 229 8.95 -1.31 -22.60
CA GLN A 229 10.06 -0.80 -21.77
C GLN A 229 10.32 -1.65 -20.50
N ILE A 230 9.32 -2.41 -20.02
CA ILE A 230 9.36 -3.23 -18.79
C ILE A 230 9.85 -4.68 -19.02
N ASP A 231 10.83 -5.10 -18.22
CA ASP A 231 11.43 -6.43 -18.23
C ASP A 231 11.37 -7.00 -16.80
N PHE A 232 11.45 -8.34 -16.64
CA PHE A 232 11.43 -8.95 -15.31
C PHE A 232 12.70 -9.74 -15.02
N GLN A 233 13.04 -9.89 -13.74
CA GLN A 233 14.17 -10.68 -13.24
C GLN A 233 13.81 -11.23 -11.88
N GLU A 234 13.82 -12.56 -11.75
CA GLU A 234 13.50 -13.18 -10.47
C GLU A 234 14.76 -13.46 -9.69
N GLY A 235 14.66 -13.32 -8.38
CA GLY A 235 15.74 -13.58 -7.46
C GLY A 235 15.52 -13.07 -6.05
N ASP A 236 16.54 -13.25 -5.21
CA ASP A 236 16.60 -12.78 -3.84
C ASP A 236 17.63 -11.65 -3.84
N PHE A 237 17.19 -10.41 -3.57
CA PHE A 237 18.12 -9.27 -3.57
C PHE A 237 19.12 -9.23 -2.41
N PHE A 238 19.02 -10.19 -1.47
CA PHE A 238 19.98 -10.29 -0.36
C PHE A 238 21.15 -11.19 -0.74
N LYS A 239 21.05 -11.95 -1.86
CA LYS A 239 22.12 -12.87 -2.25
C LYS A 239 22.47 -12.97 -3.75
N ASP A 240 21.51 -12.71 -4.64
CA ASP A 240 21.67 -12.90 -6.09
C ASP A 240 22.27 -11.74 -6.88
N PRO A 241 22.81 -11.94 -8.12
CA PRO A 241 23.35 -10.77 -8.86
C PRO A 241 22.19 -9.85 -9.24
N LEU A 242 22.28 -8.55 -8.88
CA LEU A 242 21.21 -7.59 -9.21
C LEU A 242 21.31 -7.15 -10.68
N PRO A 243 20.18 -6.77 -11.32
CA PRO A 243 20.24 -6.27 -12.73
C PRO A 243 21.09 -5.00 -12.87
N GLU A 244 21.78 -4.79 -14.02
CA GLU A 244 22.59 -3.57 -14.23
C GLU A 244 21.64 -2.43 -14.46
N ALA A 245 21.83 -1.36 -13.69
CA ALA A 245 21.00 -0.19 -13.75
C ALA A 245 21.80 1.04 -13.31
N ASP A 246 21.31 2.22 -13.71
CA ASP A 246 21.87 3.52 -13.34
C ASP A 246 21.16 4.01 -12.10
N LEU A 247 19.90 3.54 -11.88
CA LEU A 247 19.06 3.89 -10.76
C LEU A 247 18.39 2.66 -10.19
N TYR A 248 18.59 2.42 -8.91
CA TYR A 248 17.90 1.34 -8.22
C TYR A 248 16.74 1.96 -7.41
N ILE A 249 15.48 1.52 -7.64
CA ILE A 249 14.30 2.03 -6.92
C ILE A 249 13.93 1.06 -5.82
N LEU A 250 13.75 1.56 -4.60
CA LEU A 250 13.36 0.78 -3.41
C LEU A 250 12.07 1.39 -2.81
N ALA A 251 10.91 0.98 -3.32
CA ALA A 251 9.61 1.47 -2.85
C ALA A 251 9.01 0.50 -1.83
N ARG A 252 8.86 0.96 -0.58
CA ARG A 252 8.28 0.19 0.52
C ARG A 252 9.00 -1.15 0.74
N VAL A 253 10.33 -1.15 0.63
CA VAL A 253 11.17 -2.32 0.87
C VAL A 253 11.81 -2.12 2.24
N LEU A 254 12.60 -1.04 2.42
CA LEU A 254 13.31 -0.73 3.69
C LEU A 254 12.46 -0.79 4.95
N HIS A 255 11.18 -0.36 4.86
CA HIS A 255 10.26 -0.39 5.98
C HIS A 255 9.88 -1.81 6.47
N ASP A 256 10.21 -2.88 5.70
CA ASP A 256 9.89 -4.26 6.07
C ASP A 256 10.94 -4.85 6.98
N TRP A 257 12.14 -4.25 6.96
CA TRP A 257 13.30 -4.81 7.65
C TRP A 257 13.94 -3.95 8.71
N ALA A 258 14.66 -4.63 9.61
CA ALA A 258 15.43 -4.01 10.69
C ALA A 258 16.74 -3.37 10.10
N ASP A 259 17.33 -2.39 10.83
CA ASP A 259 18.54 -1.66 10.40
C ASP A 259 19.65 -2.50 9.77
N GLY A 260 20.02 -3.60 10.40
CA GLY A 260 21.05 -4.51 9.91
C GLY A 260 20.79 -5.10 8.54
N LYS A 261 19.57 -5.66 8.32
CA LYS A 261 19.12 -6.24 7.04
C LYS A 261 19.12 -5.15 5.97
N CYS A 262 18.64 -3.93 6.34
CA CYS A 262 18.62 -2.74 5.49
C CYS A 262 20.03 -2.39 5.05
N SER A 263 20.99 -2.33 6.02
CA SER A 263 22.40 -2.04 5.75
C SER A 263 22.99 -3.04 4.78
N HIS A 264 22.62 -4.32 4.93
CA HIS A 264 23.10 -5.38 4.04
C HIS A 264 22.68 -5.15 2.59
N LEU A 265 21.36 -4.96 2.34
CA LEU A 265 20.86 -4.72 0.99
C LEU A 265 21.44 -3.42 0.43
N LEU A 266 21.53 -2.38 1.28
CA LEU A 266 22.06 -1.11 0.82
C LEU A 266 23.49 -1.20 0.38
N GLU A 267 24.34 -1.94 1.13
CA GLU A 267 25.77 -2.18 0.79
C GLU A 267 25.86 -2.91 -0.55
N ARG A 268 24.97 -3.91 -0.79
CA ARG A 268 24.97 -4.69 -2.05
C ARG A 268 24.68 -3.80 -3.25
N ILE A 269 23.66 -2.92 -3.12
CA ILE A 269 23.26 -1.99 -4.17
C ILE A 269 24.41 -1.05 -4.42
N TYR A 270 24.96 -0.42 -3.34
CA TYR A 270 26.07 0.51 -3.49
C TYR A 270 27.17 -0.11 -4.30
N HIS A 271 27.66 -1.27 -3.87
CA HIS A 271 28.72 -2.03 -4.53
C HIS A 271 28.44 -2.46 -5.96
N THR A 272 27.18 -2.46 -6.40
CA THR A 272 26.75 -2.79 -7.77
C THR A 272 26.70 -1.50 -8.63
N CYS A 273 26.42 -0.33 -8.00
CA CYS A 273 26.36 0.96 -8.66
C CYS A 273 27.69 1.35 -9.23
N LYS A 274 27.63 2.32 -10.14
CA LYS A 274 28.77 2.92 -10.81
C LYS A 274 28.80 4.40 -10.44
N PRO A 275 29.94 5.11 -10.66
CA PRO A 275 29.96 6.55 -10.36
C PRO A 275 28.79 7.27 -11.02
N GLY A 276 28.04 8.02 -10.21
CA GLY A 276 26.91 8.81 -10.68
C GLY A 276 25.59 8.09 -10.62
N GLY A 277 25.64 6.80 -10.30
CA GLY A 277 24.47 5.97 -10.12
C GLY A 277 23.67 6.49 -8.95
N GLY A 278 22.39 6.12 -8.90
CA GLY A 278 21.49 6.57 -7.85
C GLY A 278 20.62 5.51 -7.23
N ILE A 279 20.06 5.86 -6.06
CA ILE A 279 19.14 5.04 -5.28
C ILE A 279 17.89 5.90 -4.92
N LEU A 280 16.71 5.45 -5.36
CA LEU A 280 15.49 6.18 -5.10
C LEU A 280 14.64 5.41 -4.10
N VAL A 281 14.62 5.89 -2.84
CA VAL A 281 13.87 5.26 -1.74
C VAL A 281 12.50 5.97 -1.68
N ILE A 282 11.40 5.19 -1.84
CA ILE A 282 10.02 5.74 -1.79
C ILE A 282 9.34 5.16 -0.57
N GLU A 283 9.25 5.98 0.48
CA GLU A 283 8.65 5.61 1.76
C GLU A 283 7.84 6.78 2.33
N SER A 284 6.97 6.49 3.31
CA SER A 284 6.20 7.52 4.03
C SER A 284 7.12 8.05 5.16
N LEU A 285 7.67 9.24 4.96
CA LEU A 285 8.60 9.83 5.93
C LEU A 285 7.89 10.26 7.21
N LEU A 286 8.52 9.93 8.33
CA LEU A 286 8.08 10.26 9.68
C LEU A 286 8.67 11.61 10.04
N ASP A 287 7.90 12.46 10.75
CA ASP A 287 8.39 13.77 11.22
C ASP A 287 9.57 13.50 12.17
N GLU A 288 10.56 14.40 12.19
CA GLU A 288 11.78 14.24 12.98
C GLU A 288 11.63 13.87 14.47
N ASP A 289 10.49 14.22 15.09
CA ASP A 289 10.19 13.93 16.49
C ASP A 289 9.39 12.61 16.66
N ARG A 290 9.30 11.83 15.54
CA ARG A 290 8.58 10.53 15.43
C ARG A 290 7.09 10.65 15.87
N ARG A 291 6.61 11.89 16.05
CA ARG A 291 5.25 12.14 16.54
C ARG A 291 4.19 12.48 15.50
N GLY A 292 4.50 12.19 14.24
CA GLY A 292 3.57 12.41 13.13
C GLY A 292 4.20 12.18 11.78
N PRO A 293 3.42 12.21 10.68
CA PRO A 293 1.96 12.35 10.60
C PRO A 293 1.29 11.10 11.18
N LEU A 294 0.07 11.24 11.75
CA LEU A 294 -0.66 10.15 12.39
C LEU A 294 -0.77 8.94 11.49
N LEU A 295 -1.05 9.15 10.18
CA LEU A 295 -1.18 8.02 9.24
C LEU A 295 0.13 7.23 9.19
N THR A 296 1.28 7.94 9.08
CA THR A 296 2.62 7.33 9.08
C THR A 296 2.88 6.61 10.39
N GLN A 297 2.50 7.21 11.54
CA GLN A 297 2.66 6.55 12.85
C GLN A 297 1.87 5.19 12.89
N LEU A 298 0.63 5.18 12.36
CA LEU A 298 -0.17 3.97 12.32
C LEU A 298 0.48 2.94 11.43
N TYR A 299 1.03 3.39 10.26
CA TYR A 299 1.79 2.57 9.30
C TYR A 299 3.05 1.90 9.95
N SER A 300 3.74 2.59 10.89
CA SER A 300 4.93 2.07 11.59
C SER A 300 4.53 0.91 12.53
N LEU A 301 3.41 1.10 13.26
CA LEU A 301 2.83 0.11 14.15
C LEU A 301 2.33 -1.10 13.34
N ASN A 302 1.81 -0.87 12.10
CA ASN A 302 1.43 -1.96 11.20
C ASN A 302 2.70 -2.76 10.78
N MET A 303 3.88 -2.11 10.65
CA MET A 303 5.13 -2.83 10.37
C MET A 303 5.57 -3.68 11.60
N LEU A 304 5.22 -3.24 12.81
CA LEU A 304 5.51 -4.00 14.04
C LEU A 304 4.72 -5.32 14.03
N VAL A 305 3.47 -5.23 13.59
CA VAL A 305 2.45 -6.27 13.50
C VAL A 305 2.60 -7.14 12.21
N GLN A 306 2.94 -6.54 11.04
CA GLN A 306 3.01 -7.23 9.75
C GLN A 306 4.38 -7.58 9.15
N THR A 307 5.47 -6.89 9.54
CA THR A 307 6.80 -7.16 9.00
C THR A 307 7.84 -7.26 10.13
N GLU A 308 9.11 -6.93 9.82
CA GLU A 308 10.23 -6.92 10.76
C GLU A 308 10.82 -5.48 10.93
N GLY A 309 10.21 -4.51 10.24
CA GLY A 309 10.67 -3.12 10.21
C GLY A 309 9.87 -2.10 10.99
N GLN A 310 9.92 -0.86 10.50
CA GLN A 310 9.28 0.34 11.06
C GLN A 310 9.29 1.45 10.01
N GLU A 311 8.64 2.56 10.31
CA GLU A 311 8.73 3.75 9.48
C GLU A 311 9.92 4.55 10.01
N ARG A 312 10.54 5.38 9.16
CA ARG A 312 11.75 6.10 9.56
C ARG A 312 11.71 7.57 9.19
N THR A 313 12.47 8.38 9.95
CA THR A 313 12.62 9.83 9.75
C THR A 313 13.70 10.09 8.69
N PRO A 314 13.70 11.26 7.95
CA PRO A 314 14.75 11.52 6.95
C PRO A 314 16.19 11.32 7.44
N THR A 315 16.47 11.74 8.66
CA THR A 315 17.76 11.61 9.33
C THR A 315 18.17 10.14 9.45
N HIS A 316 17.19 9.27 9.79
CA HIS A 316 17.39 7.84 9.94
C HIS A 316 17.76 7.19 8.59
N TYR A 317 17.06 7.57 7.50
CA TYR A 317 17.37 7.12 6.14
C TYR A 317 18.76 7.60 5.72
N HIS A 318 19.13 8.84 6.10
CA HIS A 318 20.43 9.43 5.83
C HIS A 318 21.54 8.62 6.49
N MET A 319 21.37 8.24 7.79
CA MET A 319 22.33 7.39 8.52
CA MET A 319 22.37 7.40 8.47
C MET A 319 22.54 6.09 7.72
N LEU A 320 21.42 5.39 7.41
CA LEU A 320 21.50 4.13 6.68
C LEU A 320 22.19 4.27 5.33
N LEU A 321 21.79 5.28 4.52
CA LEU A 321 22.35 5.50 3.19
C LEU A 321 23.78 5.99 3.21
N SER A 322 24.14 6.81 4.22
CA SER A 322 25.50 7.31 4.31
C SER A 322 26.44 6.17 4.63
N SER A 323 26.06 5.31 5.60
CA SER A 323 26.83 4.14 6.05
C SER A 323 27.12 3.17 4.93
N ALA A 324 26.20 3.03 3.97
CA ALA A 324 26.33 2.14 2.81
C ALA A 324 27.29 2.70 1.78
N GLY A 325 27.59 4.00 1.88
CA GLY A 325 28.48 4.69 0.97
C GLY A 325 27.84 5.78 0.12
N PHE A 326 26.50 5.94 0.19
CA PHE A 326 25.88 6.98 -0.63
C PHE A 326 26.11 8.41 -0.13
N ARG A 327 26.08 9.37 -1.08
CA ARG A 327 26.30 10.78 -0.84
C ARG A 327 25.18 11.55 -1.52
N ASP A 328 25.20 12.89 -1.38
CA ASP A 328 24.21 13.79 -1.96
C ASP A 328 22.76 13.47 -1.58
N PHE A 329 22.55 13.01 -0.33
CA PHE A 329 21.23 12.72 0.22
C PHE A 329 20.29 13.94 0.11
N GLN A 330 19.11 13.71 -0.48
CA GLN A 330 18.05 14.71 -0.65
C GLN A 330 16.72 14.01 -0.50
N PHE A 331 15.72 14.74 -0.02
CA PHE A 331 14.39 14.22 0.12
C PHE A 331 13.38 15.24 -0.35
N LYS A 332 12.15 14.81 -0.60
CA LYS A 332 11.08 15.71 -1.00
C LYS A 332 9.78 15.20 -0.43
N LYS A 333 9.19 15.99 0.48
CA LYS A 333 7.87 15.74 1.06
C LYS A 333 6.87 16.16 -0.04
N THR A 334 6.11 15.21 -0.57
CA THR A 334 5.16 15.41 -1.69
C THR A 334 3.80 16.03 -1.25
N GLY A 335 3.48 15.91 0.04
CA GLY A 335 2.18 16.30 0.55
C GLY A 335 1.23 15.13 0.45
N ALA A 336 1.75 13.94 0.09
CA ALA A 336 0.98 12.70 -0.05
C ALA A 336 1.51 11.70 0.97
N ILE A 337 0.93 10.46 1.03
CA ILE A 337 1.41 9.45 1.98
C ILE A 337 2.90 9.20 1.71
N TYR A 338 3.22 8.87 0.44
CA TYR A 338 4.55 8.52 -0.06
C TYR A 338 5.40 9.68 -0.56
N ASP A 339 6.59 9.77 0.03
CA ASP A 339 7.61 10.79 -0.24
C ASP A 339 8.73 10.16 -1.01
N ALA A 340 9.73 10.95 -1.41
CA ALA A 340 10.86 10.43 -2.18
C ALA A 340 12.20 10.89 -1.66
N ILE A 341 13.17 9.95 -1.60
CA ILE A 341 14.58 10.18 -1.24
C ILE A 341 15.47 9.76 -2.45
N LEU A 342 16.48 10.58 -2.76
CA LEU A 342 17.48 10.29 -3.81
C LEU A 342 18.86 10.56 -3.25
N ALA A 343 19.74 9.57 -3.39
CA ALA A 343 21.15 9.64 -2.98
C ALA A 343 21.99 9.10 -4.15
N ARG A 344 23.29 9.36 -4.17
CA ARG A 344 24.15 8.99 -5.30
C ARG A 344 25.46 8.34 -4.89
N LYS A 345 26.12 7.64 -5.85
CA LYS A 345 27.45 7.05 -5.67
C LYS A 345 28.50 8.00 -6.32
N GLY A 346 29.56 8.30 -5.56
CA GLY A 346 30.67 9.14 -6.02
C GLY A 346 31.92 8.34 -6.39
N THR A 347 33.11 8.98 -6.35
CA THR A 347 34.43 8.35 -6.62
C THR A 347 35.39 8.60 -5.44
#